data_1E66
#
_entry.id   1E66
#
_cell.length_a   112.335
_cell.length_b   112.335
_cell.length_c   138.165
_cell.angle_alpha   90.00
_cell.angle_beta   90.00
_cell.angle_gamma   120.00
#
_symmetry.space_group_name_H-M   'P 31 2 1'
#
loop_
_entity.id
_entity.type
_entity.pdbx_description
1 polymer ACETYLCHOLINESTERASE
2 non-polymer 2-acetamido-2-deoxy-beta-D-glucopyranose
3 non-polymer 3-CHLORO-9-ETHYL-6,7,8,9,10,11-HEXAHYDRO-7,11-METHANOCYCLOOCTA[B]QUINOLIN-12-AMINE
4 water water
#
_entity_poly.entity_id   1
_entity_poly.type   'polypeptide(L)'
_entity_poly.pdbx_seq_one_letter_code
;DDHSELLVNTKSGKVMGTRVPVLSSHISAFLGIPFAEPPVGNMRFRRPEPKKPWSGVWNASTYPNNCQQYVDEQFPGFSG
SEMWNPNREMSEDCLYLNIWVPSPRPKSTTVMVWIYGGGFYSGSSTLDVYNGKYLAYTEEVVLVSLSYRVGAFGFLALHG
SQEAPGNVGLLDQRMALQWVHDNIQFFGGDPKTVTIFGESAGGASVGMHILSPGSRDLFRRAILQSGSPNCPWASVSVAE
GRRRAVELGRNLNCNLNSDEELIHCLREKKPQELIDVEWNVLPFDSIFRFSFVPVIDGEFFPTSLESMLNSGNFKKTQIL
LGVNKDEGSFFLLYGAPGFSKDSESKISREDFMSGVKLSVPHANDLGLDAVTLQYTDWMDDNNGIKNRDGLDDIVGDHNV
ICPLMHFVNKYTKFGNGTYLYFFNHRASNLVWPEWMGVIHGYEIEFVFGLPLVKELNYTAEEEALSRRIMHYWATFAKTG
NPNEPHSQESKWPLFTTKEQKFIDLNTEPMKVHQRLRVQMCVFWNQFLPKLLNATACDGELSS
;
_entity_poly.pdbx_strand_id   A
#
loop_
_chem_comp.id
_chem_comp.type
_chem_comp.name
_chem_comp.formula
HUX non-polymer 3-CHLORO-9-ETHYL-6,7,8,9,10,11-HEXAHYDRO-7,11-METHANOCYCLOOCTA[B]QUINOLIN-12-AMINE 'C18 H19 Cl N2'
NAG D-saccharide, beta linking 2-acetamido-2-deoxy-beta-D-glucopyranose 'C8 H15 N O6'
#
# COMPACT_ATOMS: atom_id res chain seq x y z
N SER A 4 -6.85 -35.14 -5.15
CA SER A 4 -6.76 -34.44 -3.84
C SER A 4 -7.04 -32.94 -3.95
N GLU A 5 -7.83 -32.42 -3.01
CA GLU A 5 -8.18 -31.01 -2.97
C GLU A 5 -6.93 -30.14 -2.80
N LEU A 6 -5.88 -30.71 -2.22
CA LEU A 6 -4.66 -29.97 -1.98
C LEU A 6 -3.60 -30.08 -3.08
N LEU A 7 -3.91 -30.77 -4.16
CA LEU A 7 -2.93 -30.87 -5.24
C LEU A 7 -3.49 -30.12 -6.44
N VAL A 8 -2.69 -29.23 -7.00
CA VAL A 8 -3.13 -28.46 -8.16
C VAL A 8 -2.04 -28.44 -9.22
N ASN A 9 -2.42 -28.76 -10.45
N ASN A 9 -2.40 -28.76 -10.46
CA ASN A 9 -1.49 -28.77 -11.58
CA ASN A 9 -1.41 -28.76 -11.53
C ASN A 9 -1.52 -27.42 -12.27
C ASN A 9 -1.53 -27.41 -12.30
N THR A 10 -0.45 -26.64 -12.21
CA THR A 10 -0.44 -25.34 -12.89
C THR A 10 0.48 -25.43 -14.10
N LYS A 11 0.51 -24.38 -14.92
CA LYS A 11 1.37 -24.35 -16.08
C LYS A 11 2.85 -24.32 -15.70
N SER A 12 3.15 -24.06 -14.44
CA SER A 12 4.55 -24.04 -14.00
C SER A 12 4.93 -25.35 -13.30
N GLY A 13 3.93 -26.17 -12.98
CA GLY A 13 4.19 -27.43 -12.31
C GLY A 13 3.11 -27.71 -11.28
N LYS A 14 3.27 -28.79 -10.52
CA LYS A 14 2.30 -29.17 -9.50
C LYS A 14 2.64 -28.54 -8.16
N VAL A 15 1.63 -28.21 -7.37
CA VAL A 15 1.88 -27.62 -6.06
C VAL A 15 1.00 -28.34 -5.05
N MET A 16 1.50 -28.53 -3.83
N MET A 16 1.50 -28.51 -3.84
CA MET A 16 0.70 -29.18 -2.82
CA MET A 16 0.72 -29.20 -2.79
C MET A 16 0.45 -28.23 -1.64
C MET A 16 0.45 -28.22 -1.65
N GLY A 17 -0.82 -27.97 -1.39
CA GLY A 17 -1.19 -27.06 -0.31
C GLY A 17 -1.35 -27.75 1.02
N THR A 18 -2.03 -27.06 1.95
CA THR A 18 -2.28 -27.58 3.28
C THR A 18 -3.64 -27.13 3.75
N ARG A 19 -4.30 -27.96 4.54
CA ARG A 19 -5.62 -27.62 5.06
C ARG A 19 -5.47 -26.83 6.36
N VAL A 20 -6.12 -25.67 6.44
CA VAL A 20 -6.01 -24.83 7.63
C VAL A 20 -7.35 -24.53 8.28
N PRO A 21 -7.37 -24.51 9.61
CA PRO A 21 -8.64 -24.22 10.30
C PRO A 21 -8.89 -22.70 10.28
N VAL A 22 -10.16 -22.34 10.26
CA VAL A 22 -10.56 -20.93 10.23
C VAL A 22 -12.01 -20.89 10.74
N LEU A 23 -12.24 -20.10 11.78
CA LEU A 23 -13.56 -19.93 12.41
C LEU A 23 -14.38 -21.24 12.54
N SER A 24 -13.79 -22.25 13.16
N SER A 24 -13.79 -22.25 13.17
CA SER A 24 -14.43 -23.56 13.38
CA SER A 24 -14.45 -23.54 13.37
C SER A 24 -14.77 -24.29 12.08
C SER A 24 -14.72 -24.35 12.10
N SER A 25 -13.94 -24.10 11.06
CA SER A 25 -14.11 -24.79 9.78
C SER A 25 -12.73 -24.95 9.14
N HIS A 26 -12.68 -25.13 7.82
CA HIS A 26 -11.41 -25.33 7.13
C HIS A 26 -11.40 -24.87 5.67
N ILE A 27 -10.23 -24.53 5.16
CA ILE A 27 -10.07 -24.17 3.76
C ILE A 27 -8.67 -24.59 3.35
N SER A 28 -8.32 -24.39 2.08
CA SER A 28 -6.99 -24.80 1.61
C SER A 28 -6.07 -23.59 1.43
N ALA A 29 -4.79 -23.79 1.72
CA ALA A 29 -3.82 -22.73 1.57
C ALA A 29 -2.61 -23.24 0.78
N PHE A 30 -2.20 -22.44 -0.22
CA PHE A 30 -1.04 -22.79 -1.01
C PHE A 30 -0.08 -21.64 -0.77
N LEU A 31 0.82 -21.85 0.17
CA LEU A 31 1.75 -20.81 0.57
C LEU A 31 3.11 -20.91 -0.08
N GLY A 32 3.69 -19.76 -0.40
CA GLY A 32 5.01 -19.70 -0.99
C GLY A 32 5.21 -20.27 -2.38
N ILE A 33 4.28 -20.01 -3.30
CA ILE A 33 4.43 -20.48 -4.67
C ILE A 33 5.34 -19.47 -5.40
N PRO A 34 6.41 -19.97 -6.06
CA PRO A 34 7.33 -19.08 -6.79
C PRO A 34 6.73 -18.55 -8.12
N PHE A 35 6.89 -17.26 -8.41
CA PHE A 35 6.35 -16.74 -9.66
C PHE A 35 7.45 -16.07 -10.49
N ALA A 36 8.67 -16.08 -9.98
CA ALA A 36 9.79 -15.49 -10.70
C ALA A 36 11.09 -16.19 -10.34
N GLU A 37 12.09 -16.11 -11.19
CA GLU A 37 13.38 -16.68 -10.80
C GLU A 37 13.89 -15.83 -9.63
N PRO A 38 14.67 -16.43 -8.70
CA PRO A 38 15.19 -15.62 -7.58
C PRO A 38 16.01 -14.46 -8.14
N PRO A 39 15.69 -13.21 -7.73
CA PRO A 39 16.41 -12.04 -8.24
C PRO A 39 17.74 -11.81 -7.51
N VAL A 40 18.62 -12.80 -7.61
CA VAL A 40 19.87 -12.75 -6.90
C VAL A 40 21.13 -12.62 -7.76
N GLY A 41 22.23 -12.31 -7.08
CA GLY A 41 23.51 -12.18 -7.74
C GLY A 41 23.50 -11.08 -8.77
N ASN A 42 23.92 -11.42 -9.99
CA ASN A 42 23.96 -10.47 -11.07
C ASN A 42 22.54 -10.06 -11.44
N MET A 43 21.54 -10.66 -10.82
CA MET A 43 20.16 -10.27 -11.14
C MET A 43 19.67 -9.13 -10.23
N ARG A 44 20.43 -8.79 -9.19
CA ARG A 44 20.01 -7.71 -8.29
C ARG A 44 19.81 -6.44 -9.12
N PHE A 45 18.66 -5.80 -8.92
CA PHE A 45 18.27 -4.56 -9.59
C PHE A 45 17.67 -4.72 -10.97
N ARG A 46 17.73 -5.95 -11.51
CA ARG A 46 17.19 -6.25 -12.83
C ARG A 46 15.70 -6.57 -12.86
N ARG A 47 15.10 -6.49 -14.05
CA ARG A 47 13.70 -6.82 -14.24
C ARG A 47 13.58 -8.30 -13.83
N PRO A 48 12.41 -8.70 -13.32
CA PRO A 48 12.31 -10.11 -12.94
C PRO A 48 12.16 -11.06 -14.12
N GLU A 49 12.54 -12.32 -13.94
N GLU A 49 12.51 -12.32 -13.91
CA GLU A 49 12.40 -13.35 -14.93
CA GLU A 49 12.39 -13.31 -15.00
C GLU A 49 11.32 -14.35 -14.52
C GLU A 49 11.34 -14.31 -14.55
N PRO A 50 10.54 -14.82 -15.50
CA PRO A 50 9.48 -15.80 -15.22
C PRO A 50 10.13 -17.02 -14.55
N LYS A 51 9.44 -17.65 -13.61
CA LYS A 51 10.01 -18.82 -12.94
C LYS A 51 10.08 -20.01 -13.92
N LYS A 52 11.23 -20.70 -14.00
CA LYS A 52 11.36 -21.87 -14.86
C LYS A 52 10.45 -22.98 -14.31
N PRO A 53 9.64 -23.61 -15.17
CA PRO A 53 8.75 -24.68 -14.71
C PRO A 53 9.54 -25.79 -14.00
N TRP A 54 8.91 -26.45 -13.04
CA TRP A 54 9.58 -27.51 -12.29
C TRP A 54 8.86 -28.85 -12.39
N SER A 55 9.63 -29.93 -12.25
N SER A 55 9.63 -29.92 -12.26
CA SER A 55 9.06 -31.27 -12.27
CA SER A 55 9.08 -31.28 -12.28
C SER A 55 8.80 -31.62 -10.82
C SER A 55 8.82 -31.63 -10.82
N GLY A 56 7.96 -32.62 -10.57
CA GLY A 56 7.68 -32.98 -9.20
C GLY A 56 6.65 -32.06 -8.57
N VAL A 57 6.49 -32.20 -7.26
CA VAL A 57 5.52 -31.43 -6.52
C VAL A 57 6.14 -30.36 -5.61
N TRP A 58 5.75 -29.11 -5.84
CA TRP A 58 6.24 -28.00 -5.02
C TRP A 58 5.50 -28.01 -3.69
N ASN A 59 6.24 -28.07 -2.57
CA ASN A 59 5.64 -28.08 -1.23
C ASN A 59 5.14 -26.66 -0.92
N ALA A 60 3.83 -26.44 -0.91
CA ALA A 60 3.28 -25.10 -0.63
C ALA A 60 2.52 -25.11 0.70
N SER A 61 3.13 -25.67 1.73
CA SER A 61 2.46 -25.75 3.03
C SER A 61 2.92 -24.69 4.04
N THR A 62 4.01 -23.99 3.73
CA THR A 62 4.52 -22.95 4.64
C THR A 62 4.87 -21.62 3.97
N TYR A 63 4.83 -20.54 4.75
CA TYR A 63 5.13 -19.20 4.23
C TYR A 63 6.55 -19.05 3.67
N PRO A 64 6.72 -18.19 2.67
CA PRO A 64 8.05 -18.01 2.10
C PRO A 64 8.85 -16.96 2.90
N ASN A 65 10.10 -16.72 2.49
CA ASN A 65 10.93 -15.69 3.10
C ASN A 65 10.31 -14.31 2.75
N ASN A 66 10.71 -13.28 3.50
CA ASN A 66 10.26 -11.92 3.24
C ASN A 66 11.44 -11.26 2.55
N CYS A 67 11.18 -10.25 1.72
CA CYS A 67 12.27 -9.56 1.03
C CYS A 67 13.18 -8.80 2.00
N GLN A 68 14.42 -8.49 1.59
CA GLN A 68 15.36 -7.77 2.44
C GLN A 68 14.84 -6.36 2.70
N GLN A 69 14.79 -5.95 3.98
CA GLN A 69 14.27 -4.63 4.33
C GLN A 69 14.70 -4.06 5.70
N TYR A 70 14.56 -2.74 5.80
CA TYR A 70 14.82 -1.99 7.04
C TYR A 70 13.85 -2.59 8.05
N VAL A 71 14.29 -2.80 9.28
CA VAL A 71 13.45 -3.40 10.32
C VAL A 71 13.22 -2.37 11.41
N ASP A 72 11.97 -2.22 11.84
CA ASP A 72 11.63 -1.23 12.87
C ASP A 72 12.01 -1.72 14.29
N GLU A 73 12.95 -1.01 14.92
CA GLU A 73 13.40 -1.33 16.29
C GLU A 73 13.16 -0.14 17.23
N GLN A 74 12.27 0.76 16.85
CA GLN A 74 12.00 1.95 17.66
C GLN A 74 11.35 1.60 19.00
N PHE A 75 10.59 0.50 19.07
CA PHE A 75 9.95 0.08 20.32
C PHE A 75 10.10 -1.43 20.52
N PRO A 76 11.33 -1.88 20.80
CA PRO A 76 11.67 -3.30 21.02
C PRO A 76 10.65 -4.01 21.91
N GLY A 77 10.10 -5.11 21.40
CA GLY A 77 9.12 -5.88 22.15
C GLY A 77 7.70 -5.32 22.16
N PHE A 78 7.46 -4.20 21.50
CA PHE A 78 6.12 -3.62 21.48
C PHE A 78 5.39 -4.22 20.27
N SER A 79 4.23 -4.79 20.50
CA SER A 79 3.50 -5.42 19.38
C SER A 79 3.01 -4.41 18.35
N GLY A 80 2.66 -3.20 18.81
CA GLY A 80 2.15 -2.19 17.91
C GLY A 80 3.04 -2.00 16.69
N SER A 81 4.35 -2.05 16.91
CA SER A 81 5.28 -1.86 15.83
C SER A 81 5.84 -3.17 15.26
N GLU A 82 6.06 -4.16 16.12
CA GLU A 82 6.63 -5.42 15.64
C GLU A 82 5.72 -6.26 14.74
N MET A 83 4.42 -6.02 14.84
N MET A 83 4.41 -6.09 14.84
CA MET A 83 3.40 -6.71 14.05
CA MET A 83 3.53 -6.88 14.00
C MET A 83 3.55 -6.39 12.56
C MET A 83 3.68 -6.52 12.52
N TRP A 84 4.40 -5.43 12.24
CA TRP A 84 4.63 -5.00 10.87
C TRP A 84 5.96 -5.49 10.35
N ASN A 85 6.86 -5.89 11.26
CA ASN A 85 8.19 -6.36 10.87
C ASN A 85 8.14 -7.74 10.22
N PRO A 86 9.16 -8.06 9.41
CA PRO A 86 9.18 -9.37 8.76
C PRO A 86 9.04 -10.41 9.87
N ASN A 87 8.20 -11.43 9.65
CA ASN A 87 8.01 -12.50 10.64
C ASN A 87 8.56 -13.83 10.10
N ARG A 88 9.32 -13.73 9.02
N ARG A 88 9.32 -13.75 9.02
CA ARG A 88 9.99 -14.91 8.45
CA ARG A 88 9.98 -14.88 8.40
C ARG A 88 11.41 -14.44 8.17
C ARG A 88 11.42 -14.44 8.18
N GLU A 89 12.30 -15.37 7.83
CA GLU A 89 13.68 -14.99 7.57
C GLU A 89 13.68 -14.06 6.35
N MET A 90 14.59 -13.09 6.32
CA MET A 90 14.67 -12.20 5.18
C MET A 90 15.67 -12.77 4.19
N SER A 91 15.41 -12.54 2.91
CA SER A 91 16.28 -13.05 1.85
C SER A 91 15.96 -12.37 0.53
N GLU A 92 16.96 -12.21 -0.32
CA GLU A 92 16.73 -11.62 -1.65
C GLU A 92 15.91 -12.61 -2.48
N ASP A 93 15.91 -13.88 -2.07
CA ASP A 93 15.11 -14.92 -2.75
C ASP A 93 13.74 -14.79 -2.10
N CYS A 94 12.91 -13.90 -2.62
CA CYS A 94 11.64 -13.64 -1.95
C CYS A 94 10.43 -13.45 -2.83
N LEU A 95 10.57 -13.73 -4.12
CA LEU A 95 9.44 -13.52 -5.01
C LEU A 95 8.45 -14.70 -5.04
N TYR A 96 7.51 -14.68 -4.10
CA TYR A 96 6.49 -15.73 -3.98
C TYR A 96 5.08 -15.16 -3.75
N LEU A 97 4.08 -16.03 -3.90
CA LEU A 97 2.69 -15.62 -3.66
C LEU A 97 1.96 -16.70 -2.84
N ASN A 98 0.85 -16.32 -2.22
CA ASN A 98 0.05 -17.21 -1.39
C ASN A 98 -1.42 -17.18 -1.85
N ILE A 99 -2.09 -18.34 -1.81
CA ILE A 99 -3.48 -18.44 -2.23
C ILE A 99 -4.33 -19.17 -1.19
N TRP A 100 -5.44 -18.58 -0.79
CA TRP A 100 -6.35 -19.23 0.15
C TRP A 100 -7.55 -19.60 -0.70
N VAL A 101 -7.95 -20.87 -0.62
CA VAL A 101 -9.07 -21.38 -1.43
C VAL A 101 -10.18 -22.05 -0.65
N PRO A 102 -11.43 -21.62 -0.89
CA PRO A 102 -12.58 -22.20 -0.19
C PRO A 102 -12.60 -23.73 -0.38
N SER A 103 -13.20 -24.43 0.58
CA SER A 103 -13.32 -25.87 0.53
C SER A 103 -14.80 -26.16 0.64
N PRO A 104 -15.38 -26.93 -0.31
CA PRO A 104 -14.68 -27.52 -1.46
C PRO A 104 -14.26 -26.46 -2.48
N ARG A 105 -13.22 -26.80 -3.24
CA ARG A 105 -12.64 -25.92 -4.27
C ARG A 105 -13.67 -25.39 -5.24
N PRO A 106 -13.68 -24.07 -5.48
CA PRO A 106 -14.63 -23.44 -6.41
C PRO A 106 -14.33 -23.85 -7.85
N LYS A 107 -15.21 -23.45 -8.77
CA LYS A 107 -14.99 -23.75 -10.19
C LYS A 107 -14.52 -22.49 -10.90
N SER A 108 -15.17 -21.37 -10.58
CA SER A 108 -14.80 -20.12 -11.23
C SER A 108 -15.36 -18.98 -10.40
N THR A 109 -14.68 -18.66 -9.31
CA THR A 109 -15.19 -17.61 -8.46
C THR A 109 -14.30 -16.36 -8.41
N THR A 110 -14.86 -15.28 -7.86
CA THR A 110 -14.16 -14.02 -7.74
C THR A 110 -12.78 -14.14 -7.05
N VAL A 111 -11.79 -13.43 -7.61
CA VAL A 111 -10.42 -13.40 -7.12
C VAL A 111 -10.02 -12.00 -6.61
N MET A 112 -9.32 -11.95 -5.47
CA MET A 112 -8.83 -10.71 -4.88
C MET A 112 -7.34 -10.87 -4.65
N VAL A 113 -6.54 -9.95 -5.21
CA VAL A 113 -5.08 -10.02 -5.05
C VAL A 113 -4.58 -8.82 -4.21
N TRP A 114 -4.00 -9.13 -3.05
CA TRP A 114 -3.50 -8.12 -2.10
C TRP A 114 -2.06 -7.69 -2.36
N ILE A 115 -1.84 -6.38 -2.40
CA ILE A 115 -0.49 -5.82 -2.56
C ILE A 115 -0.13 -5.03 -1.29
N TYR A 116 0.76 -5.57 -0.46
CA TYR A 116 1.17 -4.91 0.78
C TYR A 116 1.84 -3.56 0.61
N GLY A 117 1.65 -2.72 1.63
CA GLY A 117 2.23 -1.39 1.66
C GLY A 117 3.49 -1.38 2.51
N GLY A 118 4.03 -0.19 2.73
CA GLY A 118 5.25 -0.05 3.49
C GLY A 118 6.15 0.99 2.85
N GLY A 119 5.58 2.07 2.31
CA GLY A 119 6.40 3.14 1.70
C GLY A 119 7.43 2.72 0.66
N PHE A 120 7.23 1.56 0.06
CA PHE A 120 8.15 1.01 -0.94
C PHE A 120 9.49 0.62 -0.34
N TYR A 121 9.63 0.76 0.99
CA TYR A 121 10.89 0.40 1.65
C TYR A 121 10.75 -0.82 2.58
N SER A 122 9.52 -1.26 2.82
CA SER A 122 9.29 -2.41 3.69
C SER A 122 7.99 -3.09 3.33
N GLY A 123 7.69 -4.19 4.03
CA GLY A 123 6.46 -4.93 3.80
C GLY A 123 6.66 -6.44 3.61
N SER A 124 5.67 -7.22 3.99
CA SER A 124 5.71 -8.68 3.89
C SER A 124 4.30 -9.18 3.60
N SER A 125 4.19 -10.30 2.89
CA SER A 125 2.88 -10.84 2.59
C SER A 125 2.40 -11.81 3.67
N THR A 126 3.31 -12.09 4.61
CA THR A 126 3.10 -13.07 5.67
C THR A 126 2.66 -12.57 7.04
N LEU A 127 2.38 -11.27 7.14
CA LEU A 127 1.96 -10.69 8.41
C LEU A 127 0.63 -11.26 8.92
N ASP A 128 0.48 -11.36 10.24
CA ASP A 128 -0.77 -11.88 10.80
C ASP A 128 -1.96 -11.07 10.30
N VAL A 129 -1.77 -9.77 10.19
CA VAL A 129 -2.85 -8.92 9.77
C VAL A 129 -3.21 -9.08 8.28
N TYR A 130 -2.40 -9.83 7.54
CA TYR A 130 -2.69 -10.07 6.12
C TYR A 130 -3.16 -11.51 5.85
N ASN A 131 -3.44 -12.26 6.92
CA ASN A 131 -3.90 -13.67 6.80
C ASN A 131 -5.20 -13.68 5.99
N GLY A 132 -5.17 -14.24 4.79
CA GLY A 132 -6.36 -14.24 3.94
C GLY A 132 -7.45 -15.27 4.17
N LYS A 133 -7.25 -16.17 5.12
CA LYS A 133 -8.23 -17.21 5.37
C LYS A 133 -9.62 -16.73 5.78
N TYR A 134 -9.70 -15.69 6.61
CA TYR A 134 -10.99 -15.16 7.06
C TYR A 134 -11.81 -14.60 5.89
N LEU A 135 -11.15 -13.88 5.00
CA LEU A 135 -11.85 -13.30 3.87
C LEU A 135 -12.19 -14.40 2.83
N ALA A 136 -11.24 -15.28 2.55
CA ALA A 136 -11.54 -16.33 1.58
C ALA A 136 -12.74 -17.15 2.08
N TYR A 137 -12.63 -17.60 3.32
CA TYR A 137 -13.68 -18.40 3.92
C TYR A 137 -15.01 -17.67 4.03
N THR A 138 -15.00 -16.47 4.60
CA THR A 138 -16.25 -15.73 4.81
C THR A 138 -16.95 -15.27 3.57
N GLU A 139 -16.22 -14.75 2.60
CA GLU A 139 -16.86 -14.27 1.38
C GLU A 139 -16.77 -15.22 0.18
N GLU A 140 -16.13 -16.36 0.38
CA GLU A 140 -15.99 -17.35 -0.68
C GLU A 140 -15.31 -16.78 -1.91
N VAL A 141 -14.14 -16.19 -1.70
CA VAL A 141 -13.39 -15.68 -2.81
C VAL A 141 -12.06 -16.41 -2.76
N VAL A 142 -11.34 -16.43 -3.88
CA VAL A 142 -10.01 -17.02 -3.86
C VAL A 142 -9.12 -15.79 -3.54
N LEU A 143 -8.45 -15.81 -2.38
CA LEU A 143 -7.61 -14.68 -1.97
C LEU A 143 -6.11 -14.91 -2.21
N VAL A 144 -5.51 -14.00 -2.98
CA VAL A 144 -4.07 -14.09 -3.29
C VAL A 144 -3.31 -12.89 -2.67
N SER A 145 -2.11 -13.14 -2.16
CA SER A 145 -1.27 -12.03 -1.69
C SER A 145 0.06 -12.28 -2.40
N LEU A 146 0.55 -11.27 -3.11
CA LEU A 146 1.82 -11.39 -3.82
C LEU A 146 2.93 -10.71 -3.00
N SER A 147 4.15 -10.68 -3.51
CA SER A 147 5.26 -10.00 -2.84
C SER A 147 6.04 -9.28 -3.95
N TYR A 148 6.91 -8.35 -3.57
CA TYR A 148 7.73 -7.60 -4.53
C TYR A 148 8.94 -6.97 -3.81
N ARG A 149 10.01 -6.74 -4.54
CA ARG A 149 11.18 -6.16 -3.91
C ARG A 149 10.93 -4.71 -3.45
N VAL A 150 11.50 -4.35 -2.29
CA VAL A 150 11.38 -3.00 -1.77
C VAL A 150 12.78 -2.41 -1.57
N GLY A 151 12.84 -1.15 -1.13
CA GLY A 151 14.13 -0.52 -0.92
C GLY A 151 14.92 -0.42 -2.20
N ALA A 152 16.23 -0.35 -2.09
CA ALA A 152 17.09 -0.25 -3.25
C ALA A 152 16.91 -1.47 -4.14
N PHE A 153 16.74 -2.65 -3.53
CA PHE A 153 16.57 -3.88 -4.32
C PHE A 153 15.41 -3.82 -5.32
N GLY A 154 14.36 -3.07 -4.99
CA GLY A 154 13.24 -3.03 -5.93
C GLY A 154 13.12 -1.72 -6.69
N PHE A 155 13.83 -0.68 -6.25
CA PHE A 155 13.67 0.62 -6.88
C PHE A 155 14.88 1.50 -7.18
N LEU A 156 16.09 0.98 -7.00
CA LEU A 156 17.29 1.74 -7.34
C LEU A 156 17.10 2.09 -8.82
N ALA A 157 17.25 3.34 -9.21
CA ALA A 157 17.04 3.69 -10.60
C ALA A 157 18.15 4.49 -11.30
N LEU A 158 18.78 3.89 -12.30
CA LEU A 158 19.81 4.54 -13.09
C LEU A 158 19.25 4.48 -14.52
N HIS A 159 18.32 5.39 -14.80
CA HIS A 159 17.65 5.43 -16.09
C HIS A 159 18.62 5.40 -17.25
N GLY A 160 18.29 4.58 -18.24
CA GLY A 160 19.17 4.48 -19.39
C GLY A 160 19.95 3.19 -19.36
N SER A 161 20.16 2.66 -18.16
CA SER A 161 20.90 1.41 -18.02
C SER A 161 19.87 0.29 -18.00
N GLN A 162 20.25 -0.89 -18.45
CA GLN A 162 19.31 -2.00 -18.44
C GLN A 162 19.60 -2.93 -17.28
N GLU A 163 20.66 -2.63 -16.53
CA GLU A 163 21.04 -3.43 -15.37
C GLU A 163 20.27 -3.01 -14.11
N ALA A 164 19.96 -1.72 -14.00
CA ALA A 164 19.21 -1.19 -12.86
C ALA A 164 18.34 -0.08 -13.44
N PRO A 165 17.28 -0.44 -14.18
CA PRO A 165 16.39 0.53 -14.80
C PRO A 165 15.41 1.29 -13.91
N GLY A 166 15.13 0.74 -12.73
CA GLY A 166 14.15 1.34 -11.84
C GLY A 166 12.83 0.61 -12.04
N ASN A 167 11.90 0.79 -11.11
CA ASN A 167 10.56 0.18 -11.16
C ASN A 167 10.50 -1.36 -11.15
N VAL A 168 11.61 -2.04 -10.89
CA VAL A 168 11.53 -3.52 -10.96
C VAL A 168 10.61 -4.13 -9.91
N GLY A 169 10.40 -3.42 -8.81
CA GLY A 169 9.48 -3.89 -7.77
C GLY A 169 8.07 -3.90 -8.35
N LEU A 170 7.74 -2.90 -9.17
CA LEU A 170 6.42 -2.82 -9.81
C LEU A 170 6.30 -3.96 -10.83
N LEU A 171 7.38 -4.25 -11.54
CA LEU A 171 7.35 -5.34 -12.52
C LEU A 171 7.22 -6.67 -11.77
N ASP A 172 7.71 -6.75 -10.52
CA ASP A 172 7.54 -7.99 -9.74
C ASP A 172 6.03 -8.18 -9.53
N GLN A 173 5.35 -7.09 -9.15
CA GLN A 173 3.92 -7.17 -8.92
C GLN A 173 3.24 -7.60 -10.20
N ARG A 174 3.65 -7.02 -11.32
CA ARG A 174 3.03 -7.35 -12.60
C ARG A 174 3.22 -8.84 -12.94
N MET A 175 4.41 -9.40 -12.70
CA MET A 175 4.65 -10.80 -13.01
C MET A 175 3.74 -11.70 -12.19
N ALA A 176 3.48 -11.32 -10.95
CA ALA A 176 2.59 -12.11 -10.11
C ALA A 176 1.18 -12.00 -10.66
N LEU A 177 0.80 -10.80 -11.12
CA LEU A 177 -0.55 -10.62 -11.71
C LEU A 177 -0.66 -11.44 -13.00
N GLN A 178 0.47 -11.57 -13.72
CA GLN A 178 0.47 -12.35 -14.96
C GLN A 178 0.26 -13.83 -14.61
N TRP A 179 0.90 -14.29 -13.54
CA TRP A 179 0.79 -15.68 -13.09
C TRP A 179 -0.64 -15.96 -12.62
N VAL A 180 -1.26 -15.03 -11.89
CA VAL A 180 -2.67 -15.23 -11.48
C VAL A 180 -3.57 -15.34 -12.75
N HIS A 181 -3.32 -14.46 -13.71
CA HIS A 181 -4.10 -14.46 -14.95
C HIS A 181 -3.95 -15.81 -15.64
N ASP A 182 -2.73 -16.30 -15.74
CA ASP A 182 -2.47 -17.59 -16.41
C ASP A 182 -2.85 -18.85 -15.67
N ASN A 183 -2.76 -18.83 -14.34
CA ASN A 183 -3.01 -20.03 -13.57
C ASN A 183 -4.13 -20.09 -12.56
N ILE A 184 -4.73 -18.97 -12.20
CA ILE A 184 -5.73 -19.02 -11.15
C ILE A 184 -6.94 -19.91 -11.46
N GLN A 185 -7.20 -20.19 -12.73
CA GLN A 185 -8.33 -21.06 -13.07
C GLN A 185 -8.19 -22.45 -12.41
N PHE A 186 -6.96 -22.95 -12.32
CA PHE A 186 -6.73 -24.27 -11.76
C PHE A 186 -7.01 -24.36 -10.25
N PHE A 187 -7.15 -23.22 -9.59
CA PHE A 187 -7.42 -23.20 -8.16
C PHE A 187 -8.89 -22.86 -7.97
N GLY A 188 -9.63 -22.78 -9.07
CA GLY A 188 -11.04 -22.44 -8.93
C GLY A 188 -11.39 -20.97 -9.08
N GLY A 189 -10.40 -20.14 -9.38
CA GLY A 189 -10.65 -18.73 -9.56
C GLY A 189 -10.91 -18.34 -11.01
N ASP A 190 -11.66 -17.26 -11.18
CA ASP A 190 -12.00 -16.72 -12.50
C ASP A 190 -10.98 -15.63 -12.88
N PRO A 191 -10.06 -15.93 -13.81
N PRO A 191 -10.08 -15.92 -13.84
CA PRO A 191 -9.05 -14.93 -14.21
CA PRO A 191 -9.06 -14.97 -14.28
C PRO A 191 -9.67 -13.66 -14.80
C PRO A 191 -9.67 -13.68 -14.83
N LYS A 192 -10.97 -13.71 -15.11
CA LYS A 192 -11.65 -12.55 -15.67
C LYS A 192 -12.33 -11.67 -14.63
N THR A 193 -12.23 -12.06 -13.37
CA THR A 193 -12.85 -11.28 -12.32
C THR A 193 -11.85 -11.12 -11.14
N VAL A 194 -10.68 -10.56 -11.46
CA VAL A 194 -9.64 -10.33 -10.47
C VAL A 194 -9.65 -8.88 -10.01
N THR A 195 -9.71 -8.70 -8.70
CA THR A 195 -9.66 -7.36 -8.16
C THR A 195 -8.31 -7.18 -7.43
N ILE A 196 -7.53 -6.15 -7.79
CA ILE A 196 -6.30 -5.90 -7.02
C ILE A 196 -6.63 -4.83 -5.95
N PHE A 197 -6.10 -5.01 -4.75
CA PHE A 197 -6.32 -4.07 -3.66
C PHE A 197 -5.06 -4.02 -2.80
N GLY A 198 -4.78 -2.85 -2.24
CA GLY A 198 -3.59 -2.69 -1.41
C GLY A 198 -3.69 -1.44 -0.55
N GLU A 199 -2.81 -1.31 0.44
CA GLU A 199 -2.81 -0.17 1.35
C GLU A 199 -1.47 0.57 1.29
N SER A 200 -1.50 1.89 1.53
CA SER A 200 -0.26 2.71 1.50
C SER A 200 0.41 2.57 0.12
N ALA A 201 1.71 2.26 0.08
CA ALA A 201 2.39 2.07 -1.22
C ALA A 201 1.65 1.00 -2.04
N GLY A 202 0.95 0.10 -1.36
CA GLY A 202 0.21 -0.94 -2.05
C GLY A 202 -0.94 -0.30 -2.79
N GLY A 203 -1.54 0.71 -2.15
CA GLY A 203 -2.64 1.43 -2.77
C GLY A 203 -2.12 2.28 -3.91
N ALA A 204 -0.96 2.91 -3.73
CA ALA A 204 -0.37 3.71 -4.80
C ALA A 204 -0.04 2.76 -5.98
N SER A 205 0.46 1.56 -5.65
CA SER A 205 0.80 0.54 -6.66
C SER A 205 -0.44 0.19 -7.50
N VAL A 206 -1.56 -0.07 -6.82
CA VAL A 206 -2.80 -0.41 -7.51
C VAL A 206 -3.07 0.69 -8.55
N GLY A 207 -2.98 1.95 -8.13
CA GLY A 207 -3.22 3.05 -9.06
C GLY A 207 -2.20 3.10 -10.19
N MET A 208 -0.97 2.70 -9.89
CA MET A 208 0.06 2.69 -10.92
C MET A 208 -0.23 1.59 -11.98
N HIS A 209 -0.89 0.49 -11.58
CA HIS A 209 -1.23 -0.56 -12.56
C HIS A 209 -2.44 -0.11 -13.39
N ILE A 210 -3.23 0.79 -12.83
CA ILE A 210 -4.37 1.33 -13.56
C ILE A 210 -3.85 2.26 -14.64
N LEU A 211 -2.77 2.98 -14.34
CA LEU A 211 -2.17 3.91 -15.28
C LEU A 211 -1.31 3.26 -16.36
N SER A 212 -0.39 2.39 -15.95
CA SER A 212 0.53 1.74 -16.87
C SER A 212 -0.11 0.83 -17.89
N PRO A 213 0.08 1.14 -19.17
CA PRO A 213 -0.45 0.36 -20.31
C PRO A 213 -0.11 -1.12 -20.18
N GLY A 214 1.11 -1.40 -19.71
CA GLY A 214 1.57 -2.77 -19.58
C GLY A 214 0.91 -3.59 -18.49
N SER A 215 0.16 -2.95 -17.61
CA SER A 215 -0.49 -3.71 -16.53
C SER A 215 -2.01 -3.81 -16.66
N ARG A 216 -2.64 -2.83 -17.32
CA ARG A 216 -4.09 -2.76 -17.42
C ARG A 216 -4.89 -3.99 -17.75
N ASP A 217 -4.42 -4.79 -18.69
CA ASP A 217 -5.17 -5.96 -19.13
C ASP A 217 -5.17 -7.11 -18.14
N LEU A 218 -4.30 -7.02 -17.13
CA LEU A 218 -4.15 -8.11 -16.16
C LEU A 218 -5.11 -8.15 -14.97
N PHE A 219 -6.09 -7.25 -14.93
CA PHE A 219 -7.03 -7.29 -13.83
C PHE A 219 -8.35 -6.63 -14.22
N ARG A 220 -9.40 -6.84 -13.44
CA ARG A 220 -10.72 -6.31 -13.77
C ARG A 220 -11.06 -5.00 -13.05
N ARG A 221 -10.91 -5.01 -11.73
CA ARG A 221 -11.26 -3.89 -10.87
C ARG A 221 -10.20 -3.60 -9.82
N ALA A 222 -10.32 -2.46 -9.13
CA ALA A 222 -9.32 -2.04 -8.16
C ALA A 222 -9.83 -1.35 -6.92
N ILE A 223 -9.10 -1.55 -5.82
CA ILE A 223 -9.39 -0.96 -4.50
C ILE A 223 -8.09 -0.32 -3.95
N LEU A 224 -8.17 0.93 -3.53
CA LEU A 224 -7.00 1.63 -3.00
C LEU A 224 -7.25 2.14 -1.58
N GLN A 225 -6.44 1.71 -0.63
CA GLN A 225 -6.61 2.14 0.76
C GLN A 225 -5.47 3.04 1.21
N SER A 226 -5.81 4.29 1.53
CA SER A 226 -4.82 5.24 2.05
C SER A 226 -3.58 5.37 1.16
N GLY A 227 -3.78 5.49 -0.15
CA GLY A 227 -2.65 5.63 -1.04
C GLY A 227 -3.15 5.88 -2.44
N SER A 228 -2.39 6.64 -3.22
N SER A 228 -2.41 6.64 -3.24
CA SER A 228 -2.78 7.02 -4.57
CA SER A 228 -2.82 6.88 -4.61
C SER A 228 -1.51 7.08 -5.40
C SER A 228 -1.50 7.19 -5.41
N PRO A 229 -1.54 6.83 -6.71
CA PRO A 229 -0.32 6.96 -7.55
C PRO A 229 0.38 8.30 -7.57
N ASN A 230 -0.40 9.37 -7.48
CA ASN A 230 0.08 10.74 -7.48
C ASN A 230 0.56 11.25 -6.11
N CYS A 231 0.64 10.39 -5.09
CA CYS A 231 1.12 10.88 -3.79
C CYS A 231 2.56 11.44 -3.90
N PRO A 232 2.86 12.56 -3.19
CA PRO A 232 4.19 13.18 -3.24
C PRO A 232 5.39 12.33 -2.85
N TRP A 233 5.15 11.23 -2.15
CA TRP A 233 6.20 10.30 -1.72
C TRP A 233 6.29 9.05 -2.60
N ALA A 234 5.30 8.85 -3.47
CA ALA A 234 5.23 7.65 -4.31
C ALA A 234 6.09 7.56 -5.59
N SER A 235 6.69 8.67 -6.03
CA SER A 235 7.53 8.59 -7.23
C SER A 235 8.51 9.76 -7.24
N VAL A 236 9.57 9.62 -8.06
CA VAL A 236 10.57 10.66 -8.24
C VAL A 236 10.92 10.72 -9.73
N SER A 237 11.55 11.80 -10.16
CA SER A 237 11.92 11.95 -11.57
C SER A 237 13.14 11.04 -11.82
N VAL A 238 13.50 10.80 -13.09
CA VAL A 238 14.65 9.94 -13.34
C VAL A 238 15.93 10.62 -12.86
N ALA A 239 15.95 11.95 -12.89
CA ALA A 239 17.13 12.70 -12.43
C ALA A 239 17.34 12.52 -10.92
N GLU A 240 16.26 12.63 -10.14
CA GLU A 240 16.38 12.47 -8.67
C GLU A 240 16.72 11.01 -8.32
N GLY A 241 16.16 10.07 -9.07
CA GLY A 241 16.43 8.66 -8.85
C GLY A 241 17.93 8.39 -9.05
N ARG A 242 18.46 8.93 -10.14
CA ARG A 242 19.88 8.79 -10.45
C ARG A 242 20.71 9.41 -9.33
N ARG A 243 20.40 10.65 -8.97
CA ARG A 243 21.15 11.32 -7.90
C ARG A 243 21.19 10.47 -6.63
N ARG A 244 20.06 9.85 -6.27
CA ARG A 244 20.05 9.02 -5.05
C ARG A 244 20.84 7.71 -5.18
N ALA A 245 20.86 7.13 -6.38
CA ALA A 245 21.60 5.88 -6.60
C ALA A 245 23.10 6.16 -6.47
N VAL A 246 23.55 7.28 -7.04
CA VAL A 246 24.93 7.69 -6.94
C VAL A 246 25.32 8.00 -5.47
N GLU A 247 24.44 8.70 -4.76
N GLU A 247 24.42 8.69 -4.77
CA GLU A 247 24.70 9.02 -3.36
CA GLU A 247 24.67 9.03 -3.37
C GLU A 247 24.76 7.74 -2.53
C GLU A 247 24.73 7.76 -2.52
N LEU A 248 23.99 6.73 -2.92
CA LEU A 248 23.99 5.46 -2.18
C LEU A 248 25.39 4.85 -2.36
N GLY A 249 25.87 4.83 -3.60
CA GLY A 249 27.19 4.28 -3.88
C GLY A 249 28.26 5.05 -3.13
N ARG A 250 28.07 6.36 -3.06
CA ARG A 250 29.02 7.19 -2.35
C ARG A 250 29.06 6.78 -0.87
N ASN A 251 27.93 6.40 -0.28
CA ASN A 251 27.89 5.98 1.12
C ASN A 251 28.63 4.65 1.33
N LEU A 252 28.76 3.88 0.26
CA LEU A 252 29.42 2.57 0.36
C LEU A 252 30.80 2.58 -0.28
N ASN A 253 31.37 3.77 -0.47
CA ASN A 253 32.68 3.95 -1.06
C ASN A 253 32.83 3.19 -2.37
N CYS A 254 31.89 3.41 -3.29
CA CYS A 254 31.91 2.76 -4.60
C CYS A 254 32.62 3.61 -5.64
N ASN A 255 33.03 2.98 -6.72
CA ASN A 255 33.64 3.72 -7.81
C ASN A 255 32.44 4.39 -8.48
N LEU A 256 32.47 5.70 -8.69
CA LEU A 256 31.33 6.37 -9.31
C LEU A 256 31.58 6.82 -10.76
N ASN A 257 32.58 6.22 -11.39
CA ASN A 257 32.95 6.59 -12.77
C ASN A 257 31.88 6.30 -13.82
N SER A 258 31.21 5.16 -13.71
CA SER A 258 30.18 4.77 -14.67
C SER A 258 29.04 4.02 -14.00
N ASP A 259 27.88 3.96 -14.66
CA ASP A 259 26.74 3.22 -14.13
C ASP A 259 27.23 1.78 -13.92
N GLU A 260 27.98 1.28 -14.91
CA GLU A 260 28.51 -0.07 -14.87
C GLU A 260 29.37 -0.30 -13.63
N GLU A 261 30.18 0.71 -13.28
CA GLU A 261 31.06 0.63 -12.11
C GLU A 261 30.28 0.68 -10.80
N LEU A 262 29.29 1.57 -10.77
CA LEU A 262 28.42 1.75 -9.60
C LEU A 262 27.59 0.49 -9.34
N ILE A 263 26.93 0.00 -10.37
CA ILE A 263 26.10 -1.18 -10.24
C ILE A 263 26.92 -2.39 -9.83
N HIS A 264 28.08 -2.58 -10.44
CA HIS A 264 28.91 -3.70 -10.09
C HIS A 264 29.28 -3.66 -8.60
N CYS A 265 29.64 -2.48 -8.10
CA CYS A 265 29.99 -2.31 -6.69
C CYS A 265 28.80 -2.62 -5.79
N LEU A 266 27.65 -2.04 -6.12
CA LEU A 266 26.45 -2.25 -5.33
C LEU A 266 26.05 -3.72 -5.32
N ARG A 267 26.32 -4.42 -6.41
CA ARG A 267 25.96 -5.83 -6.46
C ARG A 267 26.86 -6.70 -5.58
N GLU A 268 28.03 -6.22 -5.21
CA GLU A 268 28.92 -7.02 -4.38
C GLU A 268 28.62 -6.84 -2.90
N LYS A 269 27.89 -5.79 -2.55
CA LYS A 269 27.57 -5.53 -1.15
C LYS A 269 26.52 -6.52 -0.63
N LYS A 270 26.59 -6.78 0.66
CA LYS A 270 25.64 -7.66 1.33
C LYS A 270 24.34 -6.86 1.52
N PRO A 271 23.19 -7.55 1.52
CA PRO A 271 21.92 -6.85 1.70
C PRO A 271 21.93 -5.80 2.81
N GLN A 272 22.39 -6.20 3.99
CA GLN A 272 22.38 -5.28 5.11
C GLN A 272 23.23 -4.02 4.96
N GLU A 273 24.25 -4.06 4.09
CA GLU A 273 25.08 -2.86 3.91
C GLU A 273 24.31 -1.77 3.20
N LEU A 274 23.43 -2.17 2.29
CA LEU A 274 22.62 -1.22 1.55
C LEU A 274 21.55 -0.67 2.48
N ILE A 275 20.89 -1.54 3.23
CA ILE A 275 19.85 -1.13 4.17
C ILE A 275 20.42 -0.18 5.25
N ASP A 276 21.66 -0.43 5.70
CA ASP A 276 22.27 0.42 6.73
C ASP A 276 22.42 1.89 6.36
N VAL A 277 22.59 2.21 5.07
CA VAL A 277 22.76 3.61 4.67
C VAL A 277 21.61 4.14 3.80
N GLU A 278 20.60 3.32 3.59
CA GLU A 278 19.44 3.66 2.75
C GLU A 278 18.85 5.07 3.00
N TRP A 279 18.63 5.41 4.27
CA TRP A 279 18.03 6.69 4.60
C TRP A 279 18.93 7.90 4.40
N ASN A 280 20.22 7.69 4.20
CA ASN A 280 21.16 8.80 4.01
C ASN A 280 21.07 9.53 2.68
N VAL A 281 20.27 9.04 1.73
CA VAL A 281 20.20 9.68 0.40
C VAL A 281 19.06 10.65 0.17
N LEU A 282 18.14 10.76 1.13
CA LEU A 282 17.03 11.69 0.98
C LEU A 282 17.58 13.09 0.78
N PRO A 283 16.92 13.89 -0.06
CA PRO A 283 17.46 15.23 -0.28
C PRO A 283 17.16 16.24 0.84
N PHE A 284 16.09 16.04 1.60
CA PHE A 284 15.74 16.98 2.67
C PHE A 284 15.53 16.34 4.03
N ASP A 285 15.52 17.18 5.07
CA ASP A 285 15.23 16.74 6.43
C ASP A 285 13.70 16.66 6.31
N SER A 286 13.15 15.46 6.38
CA SER A 286 11.73 15.33 6.17
C SER A 286 11.09 14.14 6.89
N ILE A 287 9.76 14.06 6.80
CA ILE A 287 9.05 12.90 7.31
C ILE A 287 8.16 12.52 6.14
N PHE A 288 7.74 11.27 6.09
CA PHE A 288 6.88 10.77 5.02
C PHE A 288 7.56 10.86 3.63
N ARG A 289 8.87 10.59 3.59
CA ARG A 289 9.62 10.55 2.33
C ARG A 289 10.50 9.31 2.44
N PHE A 290 10.58 8.55 1.35
CA PHE A 290 11.31 7.30 1.30
C PHE A 290 12.32 7.35 0.14
N SER A 291 13.47 6.74 0.36
CA SER A 291 14.57 6.77 -0.59
C SER A 291 14.38 6.15 -1.99
N PHE A 292 13.96 4.88 -2.03
CA PHE A 292 13.79 4.23 -3.32
C PHE A 292 12.35 3.92 -3.65
N VAL A 293 11.82 4.67 -4.62
CA VAL A 293 10.43 4.54 -5.01
C VAL A 293 10.33 4.54 -6.53
N PRO A 294 9.13 4.30 -7.08
CA PRO A 294 8.95 4.29 -8.54
C PRO A 294 9.47 5.58 -9.21
N VAL A 295 9.87 5.46 -10.48
CA VAL A 295 10.40 6.59 -11.24
C VAL A 295 9.57 6.81 -12.51
N ILE A 296 9.34 8.07 -12.86
CA ILE A 296 8.58 8.44 -14.06
C ILE A 296 9.62 8.26 -15.17
N ASP A 297 9.62 7.04 -15.73
CA ASP A 297 10.61 6.62 -16.71
C ASP A 297 10.28 6.76 -18.20
N GLY A 298 9.02 6.98 -18.54
CA GLY A 298 8.68 7.07 -19.95
C GLY A 298 8.37 5.69 -20.50
N GLU A 299 8.52 4.64 -19.69
CA GLU A 299 8.22 3.26 -20.13
C GLU A 299 7.04 2.72 -19.32
N PHE A 300 7.26 2.35 -18.07
CA PHE A 300 6.17 1.89 -17.23
C PHE A 300 5.11 3.01 -17.20
N PHE A 301 5.56 4.27 -17.07
CA PHE A 301 4.67 5.45 -17.07
C PHE A 301 5.08 6.20 -18.35
N PRO A 302 4.21 6.21 -19.38
CA PRO A 302 4.51 6.89 -20.65
C PRO A 302 4.81 8.38 -20.53
N THR A 303 4.05 9.10 -19.70
CA THR A 303 4.30 10.53 -19.49
C THR A 303 4.06 10.85 -18.02
N SER A 304 4.09 12.12 -17.66
CA SER A 304 3.88 12.51 -16.27
C SER A 304 2.54 11.97 -15.77
N LEU A 305 2.44 11.66 -14.48
CA LEU A 305 1.19 11.13 -13.94
C LEU A 305 0.02 12.09 -14.16
N GLU A 306 0.26 13.38 -13.96
CA GLU A 306 -0.79 14.38 -14.10
C GLU A 306 -1.34 14.49 -15.52
N SER A 307 -0.48 14.43 -16.52
CA SER A 307 -1.00 14.51 -17.87
C SER A 307 -1.74 13.22 -18.21
N MET A 308 -1.33 12.09 -17.64
CA MET A 308 -2.05 10.85 -17.90
C MET A 308 -3.45 10.95 -17.29
N LEU A 309 -3.55 11.52 -16.09
CA LEU A 309 -4.86 11.65 -15.44
C LEU A 309 -5.77 12.61 -16.17
N ASN A 310 -5.17 13.69 -16.66
CA ASN A 310 -5.92 14.69 -17.40
C ASN A 310 -6.45 14.21 -18.72
N SER A 311 -5.65 13.40 -19.43
CA SER A 311 -6.09 12.92 -20.74
C SER A 311 -6.94 11.66 -20.71
N GLY A 312 -7.16 11.07 -19.54
CA GLY A 312 -7.94 9.85 -19.49
C GLY A 312 -7.09 8.68 -19.97
N ASN A 313 -5.78 8.84 -19.92
CA ASN A 313 -4.90 7.76 -20.36
C ASN A 313 -4.71 6.75 -19.22
N PHE A 314 -5.72 5.93 -18.98
CA PHE A 314 -5.65 4.91 -17.92
C PHE A 314 -6.77 3.87 -18.06
N LYS A 315 -6.68 2.77 -17.30
CA LYS A 315 -7.72 1.74 -17.41
C LYS A 315 -9.04 2.30 -16.89
N LYS A 316 -10.11 2.10 -17.66
CA LYS A 316 -11.40 2.60 -17.24
C LYS A 316 -12.23 1.45 -16.69
N THR A 317 -12.57 1.53 -15.41
CA THR A 317 -13.32 0.44 -14.79
C THR A 317 -13.93 1.03 -13.52
N GLN A 318 -14.29 0.18 -12.56
CA GLN A 318 -14.85 0.67 -11.30
C GLN A 318 -13.74 0.64 -10.26
N ILE A 319 -13.79 1.56 -9.29
CA ILE A 319 -12.80 1.55 -8.24
C ILE A 319 -13.50 1.86 -6.92
N LEU A 320 -12.94 1.33 -5.84
CA LEU A 320 -13.42 1.57 -4.48
C LEU A 320 -12.14 2.00 -3.72
N LEU A 321 -12.22 3.14 -3.01
CA LEU A 321 -11.06 3.66 -2.32
C LEU A 321 -11.41 4.61 -1.15
N GLY A 322 -10.43 4.89 -0.30
CA GLY A 322 -10.69 5.75 0.84
C GLY A 322 -9.48 6.00 1.72
N VAL A 323 -9.71 6.68 2.86
CA VAL A 323 -8.66 7.02 3.78
C VAL A 323 -9.11 6.92 5.24
N ASN A 324 -8.14 6.99 6.16
CA ASN A 324 -8.41 6.95 7.60
C ASN A 324 -8.36 8.39 8.16
N LYS A 325 -9.01 8.61 9.30
N LYS A 325 -9.01 8.58 9.31
CA LYS A 325 -9.11 9.86 10.01
CA LYS A 325 -9.06 9.95 9.88
C LYS A 325 -7.80 10.55 10.41
C LYS A 325 -7.72 10.56 10.29
N ASP A 326 -6.83 9.79 10.92
CA ASP A 326 -5.53 10.36 11.34
C ASP A 326 -4.30 9.70 10.69
N GLU A 327 -4.22 9.83 9.38
CA GLU A 327 -3.13 9.25 8.60
C GLU A 327 -1.77 9.74 9.07
N GLY A 328 -1.67 11.00 9.51
CA GLY A 328 -0.36 11.49 9.92
C GLY A 328 0.27 11.13 11.26
N SER A 329 -0.53 10.71 12.25
CA SER A 329 0.05 10.45 13.58
C SER A 329 1.28 9.53 13.62
N PHE A 330 1.25 8.45 12.86
CA PHE A 330 2.35 7.48 12.81
C PHE A 330 3.70 8.17 12.49
N PHE A 331 3.73 8.96 11.41
CA PHE A 331 4.94 9.64 10.97
C PHE A 331 5.46 10.67 11.95
N LEU A 332 4.57 11.40 12.59
CA LEU A 332 4.96 12.40 13.57
C LEU A 332 5.58 11.72 14.80
N LEU A 333 4.95 10.64 15.27
CA LEU A 333 5.49 9.93 16.43
C LEU A 333 6.93 9.49 16.16
N TYR A 334 7.17 8.97 14.96
CA TYR A 334 8.49 8.49 14.61
C TYR A 334 9.50 9.54 14.20
N GLY A 335 9.08 10.68 13.70
CA GLY A 335 10.11 11.61 13.27
C GLY A 335 10.01 13.10 13.54
N ALA A 336 9.08 13.55 14.38
CA ALA A 336 8.97 14.98 14.64
C ALA A 336 9.18 15.25 16.13
N PRO A 337 9.96 16.28 16.44
CA PRO A 337 10.23 16.61 17.86
C PRO A 337 8.99 16.95 18.67
N GLY A 338 8.94 16.46 19.91
CA GLY A 338 7.82 16.76 20.77
C GLY A 338 6.76 15.67 20.87
N PHE A 339 6.81 14.70 19.96
CA PHE A 339 5.84 13.59 19.96
C PHE A 339 6.45 12.36 20.63
N SER A 340 5.70 11.70 21.51
CA SER A 340 6.18 10.52 22.21
C SER A 340 5.11 9.47 22.33
N LYS A 341 5.54 8.21 22.40
CA LYS A 341 4.58 7.13 22.50
C LYS A 341 3.81 7.14 23.83
N ASP A 342 4.48 7.47 24.92
CA ASP A 342 3.86 7.43 26.25
C ASP A 342 3.35 8.73 26.86
N SER A 343 3.24 9.79 26.09
CA SER A 343 2.69 11.02 26.62
C SER A 343 1.61 11.47 25.64
N GLU A 344 0.82 12.43 26.06
CA GLU A 344 -0.25 12.99 25.26
C GLU A 344 0.30 13.82 24.09
N SER A 345 1.60 14.06 24.11
CA SER A 345 2.28 14.81 23.07
C SER A 345 1.69 16.19 22.74
N LYS A 346 1.42 17.01 23.75
CA LYS A 346 0.91 18.35 23.46
C LYS A 346 2.10 19.10 22.84
N ILE A 347 1.85 19.80 21.75
CA ILE A 347 2.94 20.45 21.04
C ILE A 347 3.09 21.98 21.25
N SER A 348 4.31 22.39 21.57
CA SER A 348 4.62 23.80 21.76
C SER A 348 4.61 24.43 20.36
N ARG A 349 4.52 25.74 20.33
CA ARG A 349 4.51 26.49 19.07
C ARG A 349 5.85 26.28 18.35
N GLU A 350 6.91 26.10 19.12
CA GLU A 350 8.24 25.90 18.54
C GLU A 350 8.31 24.54 17.81
N ASP A 351 7.77 23.49 18.44
CA ASP A 351 7.78 22.17 17.81
C ASP A 351 6.76 22.11 16.66
N PHE A 352 5.71 22.91 16.75
CA PHE A 352 4.72 22.96 15.67
C PHE A 352 5.46 23.44 14.42
N MET A 353 6.17 24.55 14.57
CA MET A 353 6.93 25.15 13.47
C MET A 353 7.97 24.18 12.94
N SER A 354 8.67 23.48 13.82
CA SER A 354 9.65 22.48 13.38
C SER A 354 8.93 21.40 12.55
N GLY A 355 7.76 21.00 13.04
CA GLY A 355 6.96 19.98 12.37
C GLY A 355 6.49 20.35 10.96
N VAL A 356 6.04 21.59 10.78
CA VAL A 356 5.57 22.05 9.46
C VAL A 356 6.69 21.92 8.45
N LYS A 357 7.87 22.34 8.89
CA LYS A 357 9.08 22.30 8.08
C LYS A 357 9.41 20.85 7.64
N LEU A 358 9.31 19.89 8.56
CA LEU A 358 9.56 18.49 8.21
C LEU A 358 8.45 17.94 7.28
N SER A 359 7.23 18.44 7.44
CA SER A 359 6.09 17.96 6.64
C SER A 359 6.03 18.44 5.21
N VAL A 360 6.54 19.62 4.92
CA VAL A 360 6.51 20.14 3.55
C VAL A 360 7.97 20.49 3.24
N PRO A 361 8.83 19.48 3.17
CA PRO A 361 10.26 19.63 2.90
C PRO A 361 10.60 20.45 1.66
N HIS A 362 9.72 20.40 0.67
CA HIS A 362 9.95 21.12 -0.57
C HIS A 362 9.48 22.59 -0.60
N ALA A 363 9.05 23.12 0.55
CA ALA A 363 8.53 24.50 0.55
C ALA A 363 9.49 25.60 0.96
N ASN A 364 9.35 26.76 0.31
CA ASN A 364 10.13 27.93 0.65
C ASN A 364 9.38 28.57 1.85
N ASP A 365 9.96 29.60 2.42
CA ASP A 365 9.38 30.26 3.59
C ASP A 365 7.96 30.79 3.40
N LEU A 366 7.65 31.30 2.21
CA LEU A 366 6.31 31.80 1.98
C LEU A 366 5.33 30.60 2.03
N GLY A 367 5.76 29.48 1.47
CA GLY A 367 4.95 28.27 1.46
C GLY A 367 4.73 27.78 2.90
N LEU A 368 5.78 27.80 3.71
CA LEU A 368 5.65 27.38 5.10
C LEU A 368 4.67 28.26 5.87
N ASP A 369 4.73 29.57 5.62
CA ASP A 369 3.82 30.52 6.24
C ASP A 369 2.38 30.25 5.79
N ALA A 370 2.20 29.91 4.51
CA ALA A 370 0.84 29.63 4.01
C ALA A 370 0.24 28.44 4.72
N VAL A 371 1.03 27.37 4.88
CA VAL A 371 0.56 26.18 5.56
C VAL A 371 0.26 26.48 7.03
N THR A 372 1.17 27.19 7.70
CA THR A 372 0.99 27.53 9.11
C THR A 372 -0.30 28.29 9.35
N LEU A 373 -0.54 29.30 8.53
CA LEU A 373 -1.77 30.10 8.65
C LEU A 373 -3.01 29.24 8.43
N GLN A 374 -2.94 28.33 7.47
CA GLN A 374 -4.10 27.49 7.12
C GLN A 374 -4.49 26.55 8.24
N TYR A 375 -3.53 26.11 9.03
CA TYR A 375 -3.81 25.18 10.11
C TYR A 375 -3.72 25.76 11.54
N THR A 376 -3.52 27.06 11.66
CA THR A 376 -3.41 27.66 13.00
C THR A 376 -4.68 28.42 13.39
N ASP A 377 -5.14 28.20 14.61
CA ASP A 377 -6.29 28.92 15.13
C ASP A 377 -5.68 30.09 15.92
N TRP A 378 -5.65 31.28 15.31
CA TRP A 378 -5.03 32.44 15.95
C TRP A 378 -5.75 33.03 17.15
N MET A 379 -6.84 32.41 17.57
CA MET A 379 -7.53 32.88 18.76
C MET A 379 -7.04 32.04 19.92
N ASP A 380 -6.29 30.98 19.62
CA ASP A 380 -5.85 30.08 20.67
C ASP A 380 -4.60 29.35 20.22
N ASP A 381 -3.63 30.11 19.73
CA ASP A 381 -2.39 29.56 19.17
C ASP A 381 -1.44 28.79 20.08
N ASN A 382 -1.61 28.92 21.39
CA ASN A 382 -0.74 28.16 22.27
C ASN A 382 -1.44 26.93 22.85
N ASN A 383 -2.54 26.51 22.23
CA ASN A 383 -3.23 25.33 22.72
C ASN A 383 -2.43 24.12 22.16
N GLY A 384 -1.76 23.41 23.05
CA GLY A 384 -0.93 22.26 22.70
C GLY A 384 -1.64 21.12 22.01
N ILE A 385 -2.92 20.92 22.31
CA ILE A 385 -3.69 19.87 21.67
C ILE A 385 -4.01 20.26 20.21
N LYS A 386 -4.32 21.54 20.00
CA LYS A 386 -4.64 22.01 18.64
C LYS A 386 -3.40 21.99 17.77
N ASN A 387 -2.26 22.31 18.36
CA ASN A 387 -1.01 22.29 17.63
C ASN A 387 -0.70 20.84 17.21
N ARG A 388 -0.84 19.89 18.15
CA ARG A 388 -0.60 18.48 17.88
C ARG A 388 -1.57 17.97 16.80
N ASP A 389 -2.86 18.22 16.99
CA ASP A 389 -3.82 17.76 15.99
C ASP A 389 -3.71 18.49 14.64
N GLY A 390 -3.27 19.75 14.66
CA GLY A 390 -3.14 20.50 13.43
C GLY A 390 -2.04 19.88 12.56
N LEU A 391 -0.96 19.49 13.22
CA LEU A 391 0.19 18.88 12.59
C LEU A 391 -0.22 17.49 12.05
N ASP A 392 -1.04 16.77 12.81
CA ASP A 392 -1.54 15.46 12.38
C ASP A 392 -2.28 15.62 11.04
N ASP A 393 -3.19 16.61 10.98
CA ASP A 393 -3.95 16.87 9.74
C ASP A 393 -3.09 17.32 8.57
N ILE A 394 -2.10 18.16 8.87
CA ILE A 394 -1.19 18.62 7.83
C ILE A 394 -0.52 17.41 7.15
N VAL A 395 0.09 16.53 7.93
CA VAL A 395 0.76 15.39 7.36
C VAL A 395 -0.20 14.47 6.57
N GLY A 396 -1.38 14.25 7.15
CA GLY A 396 -2.39 13.39 6.54
C GLY A 396 -3.00 13.98 5.28
N ASP A 397 -3.33 15.28 5.30
CA ASP A 397 -3.93 15.92 4.14
C ASP A 397 -2.95 16.02 2.99
N HIS A 398 -1.73 16.46 3.28
CA HIS A 398 -0.71 16.62 2.26
C HIS A 398 -0.24 15.33 1.59
N ASN A 399 -0.06 14.29 2.40
CA ASN A 399 0.45 13.02 1.93
C ASN A 399 -0.56 11.93 1.52
N VAL A 400 -1.76 11.98 2.05
CA VAL A 400 -2.66 10.90 1.70
C VAL A 400 -4.01 11.37 1.19
N ILE A 401 -4.73 12.12 2.02
CA ILE A 401 -6.07 12.54 1.64
C ILE A 401 -6.20 13.44 0.42
N CYS A 402 -5.52 14.59 0.40
CA CYS A 402 -5.69 15.46 -0.76
C CYS A 402 -5.16 14.84 -2.07
N PRO A 403 -4.07 14.06 -2.03
CA PRO A 403 -3.61 13.45 -3.30
C PRO A 403 -4.68 12.43 -3.76
N LEU A 404 -5.26 11.69 -2.82
CA LEU A 404 -6.28 10.72 -3.17
C LEU A 404 -7.54 11.43 -3.71
N MET A 405 -7.91 12.56 -3.12
CA MET A 405 -9.09 13.26 -3.60
C MET A 405 -8.86 13.79 -5.03
N HIS A 406 -7.64 14.20 -5.33
CA HIS A 406 -7.32 14.69 -6.67
C HIS A 406 -7.43 13.52 -7.65
N PHE A 407 -6.87 12.38 -7.28
CA PHE A 407 -6.93 11.20 -8.15
C PHE A 407 -8.38 10.78 -8.35
N VAL A 408 -9.18 10.77 -7.28
CA VAL A 408 -10.56 10.34 -7.43
C VAL A 408 -11.36 11.28 -8.31
N ASN A 409 -11.12 12.59 -8.19
CA ASN A 409 -11.85 13.52 -9.03
C ASN A 409 -11.40 13.42 -10.49
N LYS A 410 -10.13 13.15 -10.75
CA LYS A 410 -9.68 12.99 -12.12
C LYS A 410 -10.15 11.66 -12.76
N TYR A 411 -10.15 10.59 -11.97
CA TYR A 411 -10.55 9.28 -12.47
C TYR A 411 -12.05 9.19 -12.78
N THR A 412 -12.86 9.68 -11.86
CA THR A 412 -14.31 9.66 -11.98
C THR A 412 -14.83 10.27 -13.28
N LYS A 413 -14.07 11.18 -13.87
CA LYS A 413 -14.49 11.79 -15.12
C LYS A 413 -14.55 10.77 -16.26
N PHE A 414 -13.63 9.81 -16.28
CA PHE A 414 -13.56 8.79 -17.34
C PHE A 414 -13.94 7.37 -16.90
N GLY A 415 -13.98 7.13 -15.60
CA GLY A 415 -14.28 5.80 -15.10
C GLY A 415 -15.72 5.32 -15.20
N ASN A 416 -15.95 4.09 -14.78
CA ASN A 416 -17.27 3.46 -14.86
C ASN A 416 -17.94 3.25 -13.51
N GLY A 417 -17.42 3.91 -12.48
CA GLY A 417 -18.00 3.77 -11.15
C GLY A 417 -17.00 3.95 -10.02
N THR A 418 -17.29 4.89 -9.12
CA THR A 418 -16.42 5.18 -8.00
C THR A 418 -17.16 5.09 -6.66
N TYR A 419 -16.55 4.42 -5.68
CA TYR A 419 -17.13 4.35 -4.32
C TYR A 419 -16.04 4.80 -3.33
N LEU A 420 -16.33 5.87 -2.59
CA LEU A 420 -15.38 6.47 -1.64
C LEU A 420 -15.75 6.35 -0.16
N TYR A 421 -14.76 6.08 0.68
CA TYR A 421 -15.03 5.95 2.11
C TYR A 421 -14.07 6.76 2.99
N PHE A 422 -14.47 6.94 4.25
CA PHE A 422 -13.67 7.66 5.25
C PHE A 422 -13.80 6.77 6.48
N PHE A 423 -12.71 6.06 6.80
CA PHE A 423 -12.66 5.14 7.92
C PHE A 423 -12.18 5.86 9.17
N ASN A 424 -13.07 5.98 10.14
CA ASN A 424 -12.76 6.70 11.38
C ASN A 424 -13.13 5.96 12.66
N HIS A 425 -12.94 4.65 12.70
CA HIS A 425 -13.24 3.92 13.92
C HIS A 425 -11.95 3.61 14.66
N ARG A 426 -11.86 3.99 15.93
CA ARG A 426 -10.66 3.64 16.70
C ARG A 426 -10.92 2.29 17.40
N ALA A 427 -10.12 1.29 17.09
CA ALA A 427 -10.24 -0.02 17.69
C ALA A 427 -10.15 0.03 19.22
N SER A 428 -11.04 -0.71 19.87
CA SER A 428 -11.10 -0.73 21.33
C SER A 428 -9.88 -1.38 21.98
N ASN A 429 -9.19 -2.24 21.26
CA ASN A 429 -8.03 -2.93 21.79
C ASN A 429 -6.69 -2.34 21.27
N LEU A 430 -6.74 -1.11 20.78
CA LEU A 430 -5.52 -0.47 20.24
C LEU A 430 -4.45 -0.26 21.30
N VAL A 431 -3.22 -0.69 21.02
CA VAL A 431 -2.13 -0.52 21.97
C VAL A 431 -1.43 0.83 21.85
N TRP A 432 -1.71 1.58 20.79
CA TRP A 432 -1.08 2.89 20.60
C TRP A 432 -1.84 3.96 21.41
N PRO A 433 -1.16 5.03 21.85
CA PRO A 433 -1.83 6.07 22.63
C PRO A 433 -3.01 6.72 21.90
N GLU A 434 -3.95 7.23 22.69
CA GLU A 434 -5.15 7.89 22.17
C GLU A 434 -4.93 9.08 21.23
N TRP A 435 -3.86 9.83 21.46
CA TRP A 435 -3.63 11.00 20.61
C TRP A 435 -3.42 10.66 19.12
N MET A 436 -2.96 9.44 18.82
CA MET A 436 -2.73 9.04 17.44
C MET A 436 -4.02 8.80 16.65
N GLY A 437 -5.14 8.59 17.36
CA GLY A 437 -6.42 8.37 16.70
C GLY A 437 -6.56 7.12 15.85
N VAL A 438 -7.08 7.29 14.64
CA VAL A 438 -7.29 6.19 13.70
C VAL A 438 -6.09 6.20 12.73
N ILE A 439 -5.11 5.38 13.08
CA ILE A 439 -3.81 5.27 12.42
C ILE A 439 -3.66 4.66 11.02
N HIS A 440 -2.66 5.19 10.32
CA HIS A 440 -2.30 4.74 8.98
C HIS A 440 -2.03 3.24 9.11
N GLY A 441 -2.83 2.44 8.41
CA GLY A 441 -2.67 0.98 8.42
C GLY A 441 -3.66 0.21 9.29
N TYR A 442 -4.41 0.91 10.15
CA TYR A 442 -5.32 0.22 11.06
C TYR A 442 -6.75 -0.10 10.61
N GLU A 443 -7.03 0.10 9.33
CA GLU A 443 -8.31 -0.29 8.77
C GLU A 443 -8.07 -1.71 8.19
N ILE A 444 -6.80 -2.05 7.93
CA ILE A 444 -6.46 -3.36 7.34
C ILE A 444 -7.02 -4.55 8.15
N GLU A 445 -6.80 -4.53 9.46
CA GLU A 445 -7.31 -5.61 10.29
C GLU A 445 -8.83 -5.80 10.15
N PHE A 446 -9.58 -4.75 9.82
CA PHE A 446 -11.01 -4.91 9.64
C PHE A 446 -11.31 -5.45 8.25
N VAL A 447 -10.47 -5.13 7.28
CA VAL A 447 -10.66 -5.64 5.91
C VAL A 447 -10.35 -7.15 5.88
N PHE A 448 -9.39 -7.60 6.68
CA PHE A 448 -9.06 -9.01 6.71
C PHE A 448 -9.84 -9.85 7.73
N GLY A 449 -10.80 -9.22 8.40
CA GLY A 449 -11.64 -9.93 9.34
C GLY A 449 -11.10 -10.39 10.68
N LEU A 450 -10.01 -9.81 11.15
CA LEU A 450 -9.46 -10.19 12.45
C LEU A 450 -10.47 -10.00 13.61
N PRO A 451 -11.40 -9.04 13.50
CA PRO A 451 -12.34 -8.91 14.61
C PRO A 451 -13.27 -10.13 14.82
N LEU A 452 -13.30 -11.05 13.88
CA LEU A 452 -14.14 -12.24 14.01
C LEU A 452 -13.50 -13.27 14.93
N VAL A 453 -12.21 -13.14 15.18
CA VAL A 453 -11.48 -14.06 16.04
C VAL A 453 -11.65 -13.61 17.51
N LYS A 454 -12.43 -14.37 18.26
CA LYS A 454 -12.73 -14.04 19.65
C LYS A 454 -11.53 -13.69 20.55
N GLU A 455 -10.48 -14.50 20.48
CA GLU A 455 -9.32 -14.27 21.30
C GLU A 455 -8.62 -12.92 21.06
N LEU A 456 -8.90 -12.28 19.92
CA LEU A 456 -8.27 -11.00 19.61
C LEU A 456 -8.90 -9.84 20.40
N ASN A 457 -10.01 -10.13 21.06
CA ASN A 457 -10.66 -9.15 21.94
C ASN A 457 -11.33 -7.92 21.36
N TYR A 458 -11.93 -7.99 20.18
CA TYR A 458 -12.63 -6.81 19.69
C TYR A 458 -14.04 -6.88 20.28
N THR A 459 -14.83 -5.83 20.11
CA THR A 459 -16.20 -5.88 20.62
C THR A 459 -17.10 -6.53 19.56
N ALA A 460 -18.34 -6.80 19.94
CA ALA A 460 -19.30 -7.39 19.02
C ALA A 460 -19.59 -6.40 17.92
N GLU A 461 -19.55 -5.12 18.24
CA GLU A 461 -19.81 -4.10 17.23
C GLU A 461 -18.68 -4.07 16.22
N GLU A 462 -17.45 -4.28 16.71
CA GLU A 462 -16.29 -4.29 15.82
C GLU A 462 -16.32 -5.52 14.91
N GLU A 463 -16.92 -6.61 15.39
CA GLU A 463 -17.01 -7.80 14.54
C GLU A 463 -18.04 -7.48 13.48
N ALA A 464 -19.13 -6.84 13.89
CA ALA A 464 -20.16 -6.50 12.92
C ALA A 464 -19.60 -5.57 11.83
N LEU A 465 -18.80 -4.58 12.25
CA LEU A 465 -18.21 -3.64 11.29
C LEU A 465 -17.27 -4.37 10.31
N SER A 466 -16.43 -5.24 10.85
CA SER A 466 -15.53 -6.00 9.99
C SER A 466 -16.34 -6.80 8.94
N ARG A 467 -17.41 -7.45 9.38
CA ARG A 467 -18.22 -8.24 8.45
C ARG A 467 -18.80 -7.38 7.36
N ARG A 468 -19.27 -6.19 7.72
N ARG A 468 -19.27 -6.19 7.72
CA ARG A 468 -19.85 -5.24 6.75
CA ARG A 468 -19.86 -5.26 6.75
C ARG A 468 -18.82 -4.79 5.73
C ARG A 468 -18.79 -4.85 5.72
N ILE A 469 -17.59 -4.54 6.19
CA ILE A 469 -16.51 -4.12 5.31
C ILE A 469 -16.09 -5.26 4.39
N MET A 470 -15.87 -6.44 4.94
CA MET A 470 -15.48 -7.59 4.13
C MET A 470 -16.52 -7.86 3.04
N HIS A 471 -17.79 -7.65 3.37
CA HIS A 471 -18.83 -7.93 2.41
C HIS A 471 -18.86 -6.83 1.35
N TYR A 472 -18.60 -5.58 1.76
CA TYR A 472 -18.57 -4.47 0.78
C TYR A 472 -17.43 -4.75 -0.22
N TRP A 473 -16.23 -5.04 0.31
CA TRP A 473 -15.06 -5.29 -0.55
C TRP A 473 -15.29 -6.47 -1.51
N ALA A 474 -15.77 -7.59 -0.97
CA ALA A 474 -15.97 -8.80 -1.78
C ALA A 474 -17.11 -8.65 -2.75
N THR A 475 -18.16 -7.98 -2.37
CA THR A 475 -19.30 -7.78 -3.28
C THR A 475 -18.87 -6.84 -4.40
N PHE A 476 -18.02 -5.87 -4.06
CA PHE A 476 -17.53 -4.95 -5.08
C PHE A 476 -16.61 -5.73 -6.06
N ALA A 477 -15.75 -6.61 -5.54
CA ALA A 477 -14.86 -7.35 -6.43
C ALA A 477 -15.69 -8.19 -7.39
N LYS A 478 -16.73 -8.81 -6.85
CA LYS A 478 -17.56 -9.66 -7.68
C LYS A 478 -18.45 -8.93 -8.70
N THR A 479 -18.96 -7.75 -8.35
CA THR A 479 -19.88 -7.06 -9.24
C THR A 479 -19.60 -5.64 -9.71
N GLY A 480 -18.63 -4.97 -9.11
CA GLY A 480 -18.36 -3.59 -9.50
C GLY A 480 -19.19 -2.63 -8.67
N ASN A 481 -19.90 -3.16 -7.67
CA ASN A 481 -20.78 -2.40 -6.76
C ASN A 481 -20.72 -3.04 -5.36
N PRO A 482 -20.35 -2.28 -4.31
CA PRO A 482 -20.28 -2.86 -2.96
C PRO A 482 -21.65 -3.23 -2.35
N ASN A 483 -22.72 -2.67 -2.90
CA ASN A 483 -24.08 -2.90 -2.41
C ASN A 483 -24.77 -4.11 -3.01
N GLU A 484 -25.54 -4.83 -2.19
CA GLU A 484 -26.32 -5.93 -2.73
C GLU A 484 -27.61 -5.24 -3.14
N PRO A 485 -27.84 -5.11 -4.45
CA PRO A 485 -28.98 -4.47 -5.12
C PRO A 485 -30.34 -4.58 -4.45
N HIS A 486 -30.87 -5.80 -4.32
CA HIS A 486 -32.18 -5.94 -3.73
C HIS A 486 -32.21 -5.91 -2.19
N SER A 487 -31.07 -5.78 -1.54
CA SER A 487 -31.02 -5.77 -0.06
C SER A 487 -31.82 -4.61 0.57
N GLN A 488 -31.99 -4.68 1.89
CA GLN A 488 -32.73 -3.67 2.64
C GLN A 488 -31.79 -2.75 3.44
N GLU A 489 -30.50 -3.05 3.43
CA GLU A 489 -29.52 -2.27 4.18
C GLU A 489 -29.22 -0.90 3.56
N SER A 490 -28.67 0.00 4.37
CA SER A 490 -28.33 1.37 3.92
C SER A 490 -27.39 1.28 2.72
N LYS A 491 -27.65 2.09 1.69
CA LYS A 491 -26.84 2.07 0.49
C LYS A 491 -25.69 3.07 0.41
N TRP A 492 -24.52 2.54 0.03
CA TRP A 492 -23.29 3.30 -0.17
C TRP A 492 -23.46 3.95 -1.55
N PRO A 493 -23.70 5.26 -1.61
CA PRO A 493 -23.87 5.85 -2.93
C PRO A 493 -22.61 5.97 -3.76
N LEU A 494 -22.84 6.07 -5.07
CA LEU A 494 -21.78 6.23 -6.05
C LEU A 494 -21.22 7.66 -5.91
N PHE A 495 -19.91 7.81 -6.04
CA PHE A 495 -19.29 9.13 -5.98
C PHE A 495 -19.41 9.68 -7.41
N THR A 496 -19.96 10.87 -7.56
CA THR A 496 -20.10 11.49 -8.87
C THR A 496 -19.40 12.84 -8.91
N THR A 497 -18.97 13.21 -10.11
CA THR A 497 -18.28 14.48 -10.34
C THR A 497 -19.05 15.61 -9.68
N LYS A 498 -20.36 15.57 -9.85
CA LYS A 498 -21.24 16.59 -9.32
C LYS A 498 -21.50 16.58 -7.81
N GLU A 499 -21.99 15.45 -7.30
CA GLU A 499 -22.34 15.34 -5.88
C GLU A 499 -21.19 14.96 -4.95
N GLN A 500 -20.18 14.27 -5.46
CA GLN A 500 -19.00 13.87 -4.67
C GLN A 500 -19.31 13.24 -3.31
N LYS A 501 -20.29 12.37 -3.27
CA LYS A 501 -20.67 11.72 -2.02
C LYS A 501 -19.74 10.61 -1.55
N PHE A 502 -19.73 10.40 -0.24
CA PHE A 502 -18.92 9.36 0.36
C PHE A 502 -19.58 8.95 1.68
N ILE A 503 -19.14 7.84 2.24
CA ILE A 503 -19.67 7.39 3.51
C ILE A 503 -18.56 7.18 4.52
N ASP A 504 -18.93 7.19 5.80
CA ASP A 504 -18.02 6.94 6.89
C ASP A 504 -18.07 5.43 7.10
N LEU A 505 -17.02 4.88 7.65
CA LEU A 505 -16.99 3.47 7.95
C LEU A 505 -16.64 3.36 9.46
N ASN A 506 -17.65 3.06 10.28
CA ASN A 506 -17.46 2.91 11.72
C ASN A 506 -18.63 2.11 12.30
N THR A 507 -18.72 2.02 13.63
CA THR A 507 -19.78 1.23 14.26
C THR A 507 -21.16 1.92 14.35
N GLU A 508 -21.21 3.19 13.94
N GLU A 508 -21.22 3.19 13.93
CA GLU A 508 -22.46 3.96 13.95
CA GLU A 508 -22.44 3.97 13.95
C GLU A 508 -23.26 3.69 12.69
C GLU A 508 -23.25 3.69 12.68
N PRO A 509 -24.52 4.13 12.65
CA PRO A 509 -25.37 3.92 11.47
C PRO A 509 -24.78 4.69 10.30
N MET A 510 -24.70 4.04 9.14
CA MET A 510 -24.14 4.68 7.95
C MET A 510 -24.64 6.11 7.82
N LYS A 511 -23.74 6.99 7.41
CA LYS A 511 -24.05 8.39 7.21
C LYS A 511 -23.32 8.82 5.94
N VAL A 512 -24.05 9.48 5.03
CA VAL A 512 -23.49 9.97 3.76
C VAL A 512 -23.09 11.46 3.87
N HIS A 513 -21.92 11.80 3.34
CA HIS A 513 -21.39 13.17 3.37
C HIS A 513 -20.98 13.55 1.97
N GLN A 514 -20.51 14.78 1.83
CA GLN A 514 -20.04 15.28 0.56
C GLN A 514 -18.78 16.09 0.67
N ARG A 515 -18.02 16.12 -0.41
CA ARG A 515 -16.78 16.87 -0.52
C ARG A 515 -15.78 16.70 0.61
N LEU A 516 -15.27 15.47 0.72
CA LEU A 516 -14.30 15.10 1.73
C LEU A 516 -13.12 16.08 1.82
N ARG A 517 -13.00 16.71 2.98
CA ARG A 517 -11.95 17.70 3.32
C ARG A 517 -11.66 18.65 2.17
N VAL A 518 -12.73 19.13 1.54
CA VAL A 518 -12.60 20.00 0.38
C VAL A 518 -11.82 21.30 0.62
N GLN A 519 -12.07 21.97 1.74
CA GLN A 519 -11.38 23.22 2.06
C GLN A 519 -9.85 23.05 2.07
N MET A 520 -9.38 22.07 2.83
N MET A 520 -9.37 22.07 2.82
CA MET A 520 -7.95 21.82 2.90
CA MET A 520 -7.94 21.87 2.90
C MET A 520 -7.34 21.33 1.58
C MET A 520 -7.36 21.33 1.57
N CYS A 521 -8.10 20.50 0.86
CA CYS A 521 -7.60 19.97 -0.39
C CYS A 521 -7.52 21.01 -1.51
N VAL A 522 -8.38 22.04 -1.48
CA VAL A 522 -8.23 23.09 -2.50
C VAL A 522 -6.88 23.77 -2.17
N PHE A 523 -6.57 23.91 -0.88
CA PHE A 523 -5.29 24.52 -0.48
C PHE A 523 -4.10 23.68 -0.99
N TRP A 524 -4.11 22.38 -0.68
CA TRP A 524 -3.02 21.50 -1.11
C TRP A 524 -2.95 21.17 -2.60
N ASN A 525 -4.08 21.08 -3.28
CA ASN A 525 -4.06 20.71 -4.71
C ASN A 525 -4.05 21.86 -5.71
N GLN A 526 -4.47 23.05 -5.30
CA GLN A 526 -4.53 24.18 -6.24
C GLN A 526 -3.70 25.38 -5.81
N PHE A 527 -3.95 25.91 -4.61
CA PHE A 527 -3.23 27.10 -4.15
C PHE A 527 -1.73 26.92 -3.87
N LEU A 528 -1.38 26.09 -2.89
CA LEU A 528 0.03 25.91 -2.55
C LEU A 528 0.90 25.57 -3.76
N PRO A 529 0.49 24.61 -4.58
CA PRO A 529 1.33 24.29 -5.75
C PRO A 529 1.52 25.55 -6.60
N LYS A 530 0.44 26.31 -6.78
CA LYS A 530 0.55 27.55 -7.56
C LYS A 530 1.51 28.56 -6.87
N LEU A 531 1.43 28.66 -5.54
CA LEU A 531 2.32 29.58 -4.82
C LEU A 531 3.81 29.17 -4.94
N LEU A 532 4.08 27.87 -4.84
CA LEU A 532 5.46 27.39 -4.94
C LEU A 532 6.02 27.58 -6.36
N ASN A 533 5.16 27.46 -7.37
CA ASN A 533 5.64 27.66 -8.73
C ASN A 533 5.87 29.15 -9.04
N ALA A 534 5.04 30.02 -8.48
CA ALA A 534 5.18 31.44 -8.72
C ALA A 534 6.37 31.98 -7.99
N THR A 535 6.61 31.46 -6.79
CA THR A 535 7.74 31.91 -5.99
C THR A 535 8.88 30.89 -6.04
N ALA A 536 9.29 30.53 -7.16
C1 NAG B . 7.12 -29.50 3.24
C2 NAG B . 6.74 -29.22 4.74
C3 NAG B . 6.88 -30.51 5.55
C4 NAG B . 6.05 -31.61 4.92
C5 NAG B . 6.51 -31.82 3.48
C6 NAG B . 5.68 -32.87 2.76
C7 NAG B . 8.70 -28.24 5.94
C8 NAG B . 8.87 -29.18 7.14
N2 NAG B . 7.49 -28.11 5.36
O3 NAG B . 6.45 -30.30 6.90
O4 NAG B . 6.22 -32.81 5.67
O5 NAG B . 6.34 -30.60 2.74
O6 NAG B . 6.34 -33.27 1.57
O7 NAG B . 9.67 -27.56 5.58
C1 NAG C . -20.60 1.62 -17.03
C2 NAG C . -21.66 2.71 -16.80
C3 NAG C . -23.06 2.30 -17.33
C4 NAG C . -22.92 1.77 -18.77
C5 NAG C . -21.88 0.65 -18.80
C6 NAG C . -21.71 0.03 -20.19
C7 NAG C . -21.25 4.19 -14.95
C8 NAG C . -21.42 4.50 -13.46
N2 NAG C . -21.77 3.05 -15.39
O3 NAG C . -23.92 3.43 -17.29
O4 NAG C . -24.18 1.29 -19.28
O5 NAG C . -20.60 1.19 -18.38
O6 NAG C . -20.58 0.54 -20.90
O7 NAG C . -20.64 4.98 -15.68
CL1 HUX D . 1.90 3.59 14.63
C1 HUX D . 2.42 2.62 13.38
N1 HUX D . 1.51 1.61 9.93
C3 HUX D . 2.30 1.68 11.16
C4 HUX D . 2.02 0.89 8.91
N2 HUX D . 5.24 -0.39 10.17
C14 HUX D . 4.02 0.28 10.16
C2 HUX D . 1.68 2.46 12.10
C17 HUX D . 3.74 1.89 13.50
C15 HUX D . 3.50 1.02 11.24
C5 HUX D . 1.08 0.91 7.58
C13 HUX D . 3.23 0.21 8.88
C6 HUX D . 1.86 0.57 6.31
C7 HUX D . 3.05 1.69 5.95
C12 HUX D . 2.59 -0.75 6.52
C8 HUX D . 4.34 1.64 6.28
C9 HUX D . 4.78 0.40 7.04
C18 HUX D . 5.28 2.83 5.86
C11 HUX D . 3.71 -0.51 7.62
C10 HUX D . 4.71 4.06 5.12
C16 HUX D . 4.27 1.13 12.53
#